data_9S5B
#
_entry.id   9S5B
#
_cell.length_a   69.280
_cell.length_b   90.830
_cell.length_c   45.260
_cell.angle_alpha   90.000
_cell.angle_beta   90.000
_cell.angle_gamma   90.000
#
_symmetry.space_group_name_H-M   'P 21 21 2'
#
loop_
_entity.id
_entity.type
_entity.pdbx_description
1 polymer 'FosA family fosfomycin resistance glutathione transferase'
2 non-polymer 'MANGANESE (II) ION'
3 water water
#
_entity_poly.entity_id   1
_entity_poly.type   'polypeptide(L)'
_entity_poly.pdbx_seq_one_letter_code
;MLSGLNHLTLAVSQLAPSVAFYQQLLGMTLHARWDSGAYLSCGDLWLCLSLDPQRRVTPPEESDYTHYAFSISEADFASF
AARLEAAGVAVWKLNRSEGASHYFLDPDGHKLELHVGSLAQRLAACREQPYKGMVFFEQHHHHHH
;
_entity_poly.pdbx_strand_id   A,B
#
loop_
_chem_comp.id
_chem_comp.type
_chem_comp.name
_chem_comp.formula
MN non-polymer 'MANGANESE (II) ION' 'Mn 2'
#
# COMPACT_ATOMS: atom_id res chain seq x y z
N MET A 1 -7.42 13.37 13.03
CA MET A 1 -7.97 13.02 11.68
C MET A 1 -6.86 12.64 10.71
N LEU A 2 -7.10 11.60 9.92
CA LEU A 2 -6.08 11.06 9.03
C LEU A 2 -6.01 11.86 7.75
N SER A 3 -4.79 12.02 7.20
N SER A 3 -4.80 12.03 7.22
CA SER A 3 -4.60 12.96 6.11
CA SER A 3 -4.58 12.97 6.11
C SER A 3 -3.95 12.36 4.87
C SER A 3 -3.99 12.36 4.86
N GLY A 4 -3.76 11.06 4.82
CA GLY A 4 -3.16 10.41 3.68
C GLY A 4 -2.23 9.31 4.13
N LEU A 5 -1.48 8.78 3.17
CA LEU A 5 -0.52 7.72 3.45
C LEU A 5 0.79 8.36 3.91
N ASN A 6 1.27 7.93 5.07
CA ASN A 6 2.56 8.41 5.58
C ASN A 6 3.72 7.63 4.96
N HIS A 7 3.64 6.30 4.96
CA HIS A 7 4.63 5.48 4.28
C HIS A 7 4.03 4.10 3.99
N LEU A 8 4.67 3.42 3.04
CA LEU A 8 4.36 2.05 2.65
C LEU A 8 5.60 1.21 2.96
N THR A 9 5.43 0.14 3.74
CA THR A 9 6.54 -0.74 4.09
C THR A 9 6.29 -2.11 3.50
N LEU A 10 7.22 -2.58 2.66
CA LEU A 10 7.17 -3.91 2.09
C LEU A 10 8.20 -4.79 2.77
N ALA A 11 7.76 -5.97 3.21
CA ALA A 11 8.69 -6.97 3.69
C ALA A 11 9.34 -7.66 2.50
N VAL A 12 10.67 -7.82 2.56
CA VAL A 12 11.42 -8.42 1.48
C VAL A 12 12.29 -9.53 2.04
N SER A 13 12.51 -10.58 1.23
CA SER A 13 13.32 -11.71 1.66
C SER A 13 14.82 -11.51 1.46
N GLN A 14 15.21 -10.72 0.46
CA GLN A 14 16.61 -10.40 0.20
C GLN A 14 16.69 -8.94 -0.17
N LEU A 15 17.52 -8.18 0.55
CA LEU A 15 17.47 -6.73 0.42
C LEU A 15 18.04 -6.27 -0.92
N ALA A 16 19.20 -6.79 -1.32
CA ALA A 16 19.88 -6.23 -2.49
C ALA A 16 19.07 -6.36 -3.77
N PRO A 17 18.51 -7.53 -4.12
N PRO A 17 18.49 -7.53 -4.09
CA PRO A 17 17.71 -7.59 -5.35
CA PRO A 17 17.65 -7.61 -5.30
C PRO A 17 16.47 -6.72 -5.30
C PRO A 17 16.42 -6.72 -5.24
N SER A 18 15.90 -6.50 -4.12
N SER A 18 15.86 -6.49 -4.05
CA SER A 18 14.72 -5.63 -4.02
CA SER A 18 14.70 -5.63 -3.92
C SER A 18 15.09 -4.17 -4.20
C SER A 18 15.07 -4.17 -4.16
N VAL A 19 16.17 -3.71 -3.55
CA VAL A 19 16.62 -2.35 -3.81
C VAL A 19 16.87 -2.16 -5.29
N ALA A 20 17.51 -3.14 -5.93
CA ALA A 20 17.81 -2.99 -7.35
C ALA A 20 16.54 -2.88 -8.17
N PHE A 21 15.53 -3.67 -7.83
CA PHE A 21 14.26 -3.61 -8.54
C PHE A 21 13.63 -2.23 -8.44
N TYR A 22 13.49 -1.70 -7.22
CA TYR A 22 12.79 -0.44 -7.06
C TYR A 22 13.61 0.75 -7.54
N GLN A 23 14.92 0.74 -7.36
CA GLN A 23 15.77 1.85 -7.79
C GLN A 23 16.15 1.76 -9.26
N GLN A 24 16.76 0.63 -9.66
CA GLN A 24 17.30 0.54 -11.01
C GLN A 24 16.23 0.32 -12.06
N LEU A 25 15.24 -0.52 -11.77
CA LEU A 25 14.25 -0.82 -12.80
C LEU A 25 13.08 0.15 -12.76
N LEU A 26 12.54 0.42 -11.56
CA LEU A 26 11.41 1.34 -11.47
C LEU A 26 11.81 2.80 -11.33
N GLY A 27 13.08 3.10 -11.07
CA GLY A 27 13.54 4.46 -11.08
C GLY A 27 13.26 5.26 -9.84
N MET A 28 12.93 4.61 -8.72
CA MET A 28 12.70 5.36 -7.50
C MET A 28 14.02 5.87 -6.95
N THR A 29 13.92 6.87 -6.07
CA THR A 29 15.10 7.51 -5.50
C THR A 29 15.50 6.78 -4.23
N LEU A 30 16.76 6.35 -4.16
CA LEU A 30 17.29 5.69 -2.98
C LEU A 30 17.92 6.74 -2.07
N HIS A 31 17.43 6.82 -0.84
CA HIS A 31 17.95 7.78 0.14
C HIS A 31 18.93 7.17 1.12
N ALA A 32 18.69 5.93 1.54
CA ALA A 32 19.52 5.30 2.54
C ALA A 32 19.29 3.80 2.50
N ARG A 33 20.33 3.05 2.81
CA ARG A 33 20.18 1.62 3.03
C ARG A 33 21.05 1.23 4.22
N TRP A 34 20.60 0.20 4.94
CA TRP A 34 21.36 -0.33 6.07
C TRP A 34 21.23 -1.84 6.03
N ASP A 35 21.75 -2.52 7.05
CA ASP A 35 21.85 -3.97 6.95
C ASP A 35 20.49 -4.66 6.86
N SER A 36 19.42 -4.01 7.32
N SER A 36 19.41 -4.01 7.30
CA SER A 36 18.10 -4.64 7.37
CA SER A 36 18.10 -4.67 7.32
C SER A 36 17.01 -3.84 6.67
C SER A 36 17.01 -3.84 6.66
N GLY A 37 17.35 -2.84 5.86
CA GLY A 37 16.31 -2.07 5.22
C GLY A 37 16.84 -1.02 4.27
N ALA A 38 15.89 -0.34 3.64
CA ALA A 38 16.18 0.78 2.76
C ALA A 38 15.01 1.75 2.74
N TYR A 39 15.32 3.03 2.52
CA TYR A 39 14.34 4.08 2.36
C TYR A 39 14.44 4.63 0.93
N LEU A 40 13.31 4.61 0.23
CA LEU A 40 13.21 5.17 -1.12
C LEU A 40 12.04 6.14 -1.17
N SER A 41 12.05 6.98 -2.19
CA SER A 41 10.88 7.82 -2.46
C SER A 41 10.51 7.74 -3.92
N CYS A 42 9.24 8.03 -4.17
CA CYS A 42 8.64 8.02 -5.49
C CYS A 42 7.67 9.20 -5.48
N GLY A 43 8.11 10.35 -5.99
CA GLY A 43 7.33 11.56 -5.75
C GLY A 43 7.16 11.79 -4.25
N ASP A 44 5.90 11.95 -3.82
CA ASP A 44 5.52 12.13 -2.42
C ASP A 44 5.56 10.84 -1.59
N LEU A 45 5.69 9.69 -2.24
CA LEU A 45 5.60 8.41 -1.54
C LEU A 45 6.90 8.05 -0.83
N TRP A 46 6.81 7.76 0.46
CA TRP A 46 7.89 7.21 1.26
C TRP A 46 7.72 5.69 1.27
N LEU A 47 8.67 5.00 0.64
CA LEU A 47 8.69 3.55 0.57
C LEU A 47 9.80 3.01 1.46
N CYS A 48 9.47 2.07 2.33
N CYS A 48 9.45 2.06 2.32
CA CYS A 48 10.44 1.39 3.16
CA CYS A 48 10.41 1.37 3.18
C CYS A 48 10.47 -0.08 2.77
C CYS A 48 10.46 -0.09 2.75
N LEU A 49 11.66 -0.59 2.50
CA LEU A 49 11.88 -2.01 2.29
C LEU A 49 12.49 -2.55 3.59
N SER A 50 11.87 -3.58 4.16
CA SER A 50 12.29 -4.13 5.44
C SER A 50 12.62 -5.60 5.27
N LEU A 51 13.86 -5.97 5.58
CA LEU A 51 14.29 -7.36 5.51
C LEU A 51 13.53 -8.20 6.53
N ASP A 52 12.85 -9.24 6.06
CA ASP A 52 11.98 -10.05 6.92
C ASP A 52 12.17 -11.50 6.55
N PRO A 53 12.83 -12.30 7.41
CA PRO A 53 13.00 -13.72 7.08
C PRO A 53 11.69 -14.48 7.00
N GLN A 54 10.58 -13.89 7.45
N GLN A 54 10.58 -13.89 7.43
CA GLN A 54 9.27 -14.51 7.31
CA GLN A 54 9.28 -14.52 7.30
C GLN A 54 8.66 -14.32 5.93
C GLN A 54 8.61 -14.24 5.96
N ARG A 55 9.21 -13.41 5.11
CA ARG A 55 8.63 -13.14 3.81
C ARG A 55 8.88 -14.34 2.89
N ARG A 56 7.82 -14.85 2.29
CA ARG A 56 7.89 -15.92 1.31
C ARG A 56 7.54 -15.38 -0.06
N VAL A 57 8.12 -15.98 -1.09
N VAL A 57 8.14 -15.97 -1.08
N VAL A 57 8.13 -15.95 -1.10
CA VAL A 57 7.81 -15.66 -2.48
CA VAL A 57 7.82 -15.64 -2.47
CA VAL A 57 7.80 -15.57 -2.47
C VAL A 57 6.57 -16.46 -2.86
C VAL A 57 6.58 -16.45 -2.84
C VAL A 57 6.60 -16.42 -2.87
N THR A 58 5.46 -15.76 -3.04
CA THR A 58 4.16 -16.41 -3.20
C THR A 58 3.66 -16.30 -4.62
N PRO A 59 3.19 -17.39 -5.24
CA PRO A 59 2.62 -17.28 -6.58
C PRO A 59 1.38 -16.40 -6.55
N PRO A 60 1.14 -15.65 -7.63
CA PRO A 60 0.01 -14.73 -7.63
C PRO A 60 -1.33 -15.42 -7.55
N GLU A 61 -1.40 -16.70 -7.94
CA GLU A 61 -2.67 -17.44 -7.87
C GLU A 61 -3.07 -17.78 -6.45
N GLU A 62 -2.13 -17.74 -5.51
N GLU A 62 -2.13 -17.72 -5.51
CA GLU A 62 -2.45 -18.06 -4.13
CA GLU A 62 -2.41 -18.07 -4.12
C GLU A 62 -2.55 -16.83 -3.23
C GLU A 62 -2.14 -16.92 -3.17
N SER A 63 -2.09 -15.69 -3.68
CA SER A 63 -2.10 -14.51 -2.84
C SER A 63 -3.39 -13.78 -3.22
N ASP A 64 -3.85 -12.93 -2.32
CA ASP A 64 -5.10 -12.23 -2.55
C ASP A 64 -4.85 -10.99 -3.42
N TYR A 65 -5.90 -10.21 -3.64
N TYR A 65 -5.90 -10.21 -3.64
CA TYR A 65 -5.85 -9.12 -4.60
CA TYR A 65 -5.86 -9.11 -4.59
C TYR A 65 -5.21 -7.85 -4.04
C TYR A 65 -5.28 -7.82 -4.01
N THR A 66 -4.74 -7.85 -2.80
CA THR A 66 -4.06 -6.67 -2.25
C THR A 66 -2.95 -6.24 -3.19
N HIS A 67 -2.92 -4.96 -3.58
CA HIS A 67 -1.91 -4.52 -4.53
C HIS A 67 -1.69 -3.02 -4.41
N TYR A 68 -0.57 -2.59 -5.01
CA TYR A 68 -0.08 -1.22 -4.90
C TYR A 68 0.13 -0.66 -6.30
N ALA A 69 -0.53 0.45 -6.60
CA ALA A 69 -0.48 1.04 -7.93
C ALA A 69 0.28 2.34 -7.90
N PHE A 70 1.12 2.54 -8.90
CA PHE A 70 1.94 3.74 -9.05
C PHE A 70 1.44 4.54 -10.25
N SER A 71 1.48 5.87 -10.11
CA SER A 71 1.02 6.76 -11.16
C SER A 71 2.07 6.91 -12.25
N ILE A 72 1.60 6.92 -13.48
CA ILE A 72 2.44 7.19 -14.64
C ILE A 72 1.60 7.96 -15.64
N SER A 73 2.27 8.78 -16.45
CA SER A 73 1.56 9.59 -17.43
C SER A 73 1.16 8.75 -18.64
N GLU A 74 0.14 9.25 -19.35
CA GLU A 74 -0.28 8.64 -20.60
C GLU A 74 0.88 8.51 -21.59
N ALA A 75 1.77 9.51 -21.64
CA ALA A 75 2.83 9.51 -22.64
C ALA A 75 3.90 8.45 -22.36
N ASP A 76 4.11 8.09 -21.08
CA ASP A 76 5.15 7.16 -20.68
C ASP A 76 4.64 5.73 -20.46
N PHE A 77 3.33 5.54 -20.38
CA PHE A 77 2.78 4.27 -19.93
C PHE A 77 3.27 3.10 -20.77
N ALA A 78 3.06 3.16 -22.08
CA ALA A 78 3.34 2.00 -22.92
C ALA A 78 4.82 1.69 -22.97
N SER A 79 5.67 2.72 -23.06
N SER A 79 5.66 2.72 -23.08
CA SER A 79 7.10 2.47 -23.15
CA SER A 79 7.11 2.49 -23.15
C SER A 79 7.64 1.91 -21.84
C SER A 79 7.62 1.90 -21.84
N PHE A 80 7.12 2.37 -20.70
CA PHE A 80 7.54 1.82 -19.41
C PHE A 80 7.09 0.37 -19.27
N ALA A 81 5.84 0.08 -19.61
CA ALA A 81 5.37 -1.31 -19.57
C ALA A 81 6.22 -2.21 -20.45
N ALA A 82 6.62 -1.71 -21.62
CA ALA A 82 7.45 -2.51 -22.52
C ALA A 82 8.83 -2.77 -21.92
N ARG A 83 9.39 -1.80 -21.19
CA ARG A 83 10.67 -2.01 -20.56
C ARG A 83 10.60 -3.11 -19.50
N LEU A 84 9.51 -3.14 -18.74
CA LEU A 84 9.33 -4.19 -17.75
C LEU A 84 9.21 -5.55 -18.40
N GLU A 85 8.42 -5.66 -19.47
CA GLU A 85 8.29 -6.94 -20.15
C GLU A 85 9.63 -7.41 -20.68
N ALA A 86 10.41 -6.47 -21.25
CA ALA A 86 11.71 -6.84 -21.80
C ALA A 86 12.67 -7.32 -20.71
N ALA A 87 12.56 -6.78 -19.50
CA ALA A 87 13.40 -7.21 -18.38
C ALA A 87 12.93 -8.52 -17.76
N GLY A 88 11.85 -9.11 -18.26
CA GLY A 88 11.40 -10.40 -17.77
C GLY A 88 10.57 -10.36 -16.50
N VAL A 89 10.01 -9.20 -16.16
CA VAL A 89 9.21 -9.08 -14.96
C VAL A 89 7.90 -9.84 -15.14
N ALA A 90 7.52 -10.61 -14.12
N ALA A 90 7.50 -10.58 -14.10
CA ALA A 90 6.34 -11.46 -14.19
CA ALA A 90 6.30 -11.41 -14.20
C ALA A 90 5.08 -10.63 -14.01
C ALA A 90 5.05 -10.56 -14.14
N VAL A 91 3.95 -11.21 -14.42
N VAL A 91 4.03 -10.97 -14.90
CA VAL A 91 2.68 -10.53 -14.41
CA VAL A 91 2.76 -10.27 -15.00
C VAL A 91 1.70 -11.28 -13.52
C VAL A 91 1.69 -11.14 -14.36
N TRP A 92 0.58 -10.62 -13.22
N TRP A 92 0.84 -10.53 -13.53
CA TRP A 92 -0.54 -11.21 -12.50
CA TRP A 92 -0.15 -11.27 -12.77
C TRP A 92 -1.83 -10.64 -13.08
C TRP A 92 -1.58 -11.00 -13.20
N LYS A 93 -2.96 -11.23 -12.63
N LYS A 93 -1.82 -10.05 -14.10
CA LYS A 93 -4.27 -10.95 -13.18
CA LYS A 93 -3.16 -9.83 -14.61
C LYS A 93 -5.23 -10.55 -12.08
C LYS A 93 -3.06 -9.17 -15.99
N LEU A 94 -5.87 -9.40 -12.24
N LEU A 94 -4.06 -9.45 -16.83
CA LEU A 94 -6.97 -8.99 -11.39
CA LEU A 94 -4.10 -8.91 -18.18
C LEU A 94 -8.29 -9.48 -11.99
C LEU A 94 -5.36 -8.12 -18.49
N ASN A 95 -9.30 -9.60 -11.13
N ASN A 95 -6.50 -8.47 -17.89
CA ASN A 95 -10.60 -10.09 -11.55
CA ASN A 95 -7.75 -7.79 -18.20
C ASN A 95 -11.41 -9.08 -12.35
C ASN A 95 -7.83 -6.47 -17.44
N ARG A 96 -11.04 -7.80 -12.35
N ARG A 96 -8.05 -5.38 -18.19
CA ARG A 96 -11.86 -6.76 -12.94
CA ARG A 96 -8.07 -4.03 -17.64
C ARG A 96 -10.99 -5.73 -13.63
C ARG A 96 -9.46 -3.70 -17.10
N SER A 97 -11.60 -5.03 -14.59
N SER A 97 -9.72 -4.18 -15.89
CA SER A 97 -10.93 -3.93 -15.27
CA SER A 97 -11.01 -3.95 -15.26
C SER A 97 -11.08 -2.66 -14.45
C SER A 97 -11.11 -2.58 -14.59
N GLU A 98 -10.03 -1.84 -14.46
N GLU A 98 -10.01 -1.86 -14.44
CA GLU A 98 -10.07 -0.55 -13.77
CA GLU A 98 -10.03 -0.57 -13.76
C GLU A 98 -9.30 0.48 -14.59
C GLU A 98 -9.32 0.50 -14.60
N GLY A 99 -9.43 0.41 -15.91
CA GLY A 99 -8.83 1.40 -16.78
C GLY A 99 -7.47 1.01 -17.32
N ALA A 100 -6.65 2.00 -17.63
CA ALA A 100 -5.36 1.73 -18.25
C ALA A 100 -4.37 1.34 -17.17
N SER A 101 -4.07 0.05 -17.09
CA SER A 101 -3.22 -0.51 -16.05
C SER A 101 -2.35 -1.61 -16.63
N HIS A 102 -1.17 -1.76 -16.03
CA HIS A 102 -0.26 -2.86 -16.30
C HIS A 102 0.09 -3.50 -14.97
N TYR A 103 -0.09 -4.81 -14.84
CA TYR A 103 0.06 -5.51 -13.57
C TYR A 103 1.32 -6.36 -13.58
N PHE A 104 2.15 -6.19 -12.57
CA PHE A 104 3.41 -6.92 -12.52
C PHE A 104 3.79 -7.22 -11.08
N LEU A 105 4.72 -8.15 -10.92
CA LEU A 105 5.15 -8.61 -9.62
C LEU A 105 6.57 -8.14 -9.31
N ASP A 106 6.82 -7.85 -8.03
CA ASP A 106 8.18 -7.61 -7.55
C ASP A 106 8.83 -8.93 -7.18
N PRO A 107 10.11 -8.92 -6.81
CA PRO A 107 10.84 -10.19 -6.65
C PRO A 107 10.32 -11.06 -5.53
N ASP A 108 9.58 -10.50 -4.58
CA ASP A 108 8.98 -11.26 -3.50
C ASP A 108 7.50 -11.56 -3.75
N GLY A 109 6.98 -11.23 -4.93
CA GLY A 109 5.59 -11.52 -5.20
C GLY A 109 4.61 -10.48 -4.71
N HIS A 110 5.09 -9.32 -4.28
CA HIS A 110 4.16 -8.21 -4.05
C HIS A 110 3.54 -7.81 -5.37
N LYS A 111 2.23 -7.58 -5.34
CA LYS A 111 1.47 -7.24 -6.54
C LYS A 111 1.49 -5.74 -6.78
N LEU A 112 2.09 -5.34 -7.91
CA LEU A 112 2.25 -3.96 -8.30
C LEU A 112 1.43 -3.67 -9.56
N GLU A 113 1.28 -2.38 -9.84
CA GLU A 113 0.49 -1.91 -10.96
C GLU A 113 1.01 -0.54 -11.39
N LEU A 114 1.04 -0.33 -12.71
CA LEU A 114 1.15 0.99 -13.31
C LEU A 114 -0.25 1.41 -13.69
N HIS A 115 -0.66 2.63 -13.34
CA HIS A 115 -1.99 3.10 -13.67
C HIS A 115 -1.97 4.54 -14.13
N VAL A 116 -2.73 4.79 -15.20
CA VAL A 116 -2.95 6.13 -15.72
C VAL A 116 -4.31 6.59 -15.26
N GLY A 117 -4.35 7.69 -14.50
CA GLY A 117 -5.62 8.31 -14.16
C GLY A 117 -5.87 8.45 -12.67
N SER A 118 -6.68 9.42 -12.31
CA SER A 118 -7.00 9.74 -10.93
C SER A 118 -8.27 9.05 -10.48
N LEU A 119 -8.55 9.18 -9.19
CA LEU A 119 -9.82 8.70 -8.65
C LEU A 119 -10.98 9.40 -9.32
N ALA A 120 -10.91 10.72 -9.48
CA ALA A 120 -11.97 11.46 -10.16
C ALA A 120 -12.22 10.92 -11.57
N GLN A 121 -11.16 10.59 -12.30
CA GLN A 121 -11.35 10.08 -13.65
C GLN A 121 -11.98 8.70 -13.61
N ARG A 122 -11.58 7.88 -12.64
N ARG A 122 -11.59 7.88 -12.64
CA ARG A 122 -12.16 6.56 -12.47
CA ARG A 122 -12.18 6.55 -12.53
C ARG A 122 -13.66 6.65 -12.20
C ARG A 122 -13.66 6.63 -12.20
N LEU A 123 -14.05 7.54 -11.30
CA LEU A 123 -15.46 7.68 -10.98
C LEU A 123 -16.25 8.11 -12.20
N ALA A 124 -15.69 9.02 -13.01
CA ALA A 124 -16.39 9.47 -14.21
C ALA A 124 -16.56 8.34 -15.21
N ALA A 125 -15.51 7.54 -15.39
CA ALA A 125 -15.61 6.36 -16.27
C ALA A 125 -16.67 5.39 -15.75
N CYS A 126 -16.74 5.20 -14.43
CA CYS A 126 -17.67 4.22 -13.88
C CYS A 126 -19.12 4.66 -13.99
N ARG A 127 -19.37 5.97 -14.03
CA ARG A 127 -20.74 6.43 -14.24
C ARG A 127 -21.27 5.95 -15.59
N GLU A 128 -20.38 5.84 -16.59
CA GLU A 128 -20.77 5.36 -17.91
C GLU A 128 -20.76 3.85 -18.01
N GLN A 129 -19.86 3.17 -17.32
CA GLN A 129 -19.73 1.72 -17.38
C GLN A 129 -19.53 1.26 -15.94
N PRO A 130 -20.59 1.24 -15.16
CA PRO A 130 -20.46 0.93 -13.72
C PRO A 130 -20.16 -0.54 -13.49
N TYR A 131 -19.51 -0.82 -12.36
CA TYR A 131 -19.46 -2.16 -11.82
C TYR A 131 -20.87 -2.59 -11.38
N LYS A 132 -21.06 -3.89 -11.26
CA LYS A 132 -22.36 -4.44 -10.87
C LYS A 132 -22.77 -3.90 -9.50
N GLY A 133 -23.98 -3.35 -9.43
CA GLY A 133 -24.51 -2.84 -8.17
C GLY A 133 -23.92 -1.53 -7.68
N MET A 134 -23.33 -0.74 -8.57
CA MET A 134 -22.58 0.42 -8.11
C MET A 134 -23.51 1.55 -7.66
N VAL A 135 -23.17 2.17 -6.54
N VAL A 135 -23.15 2.18 -6.55
CA VAL A 135 -23.85 3.34 -6.03
CA VAL A 135 -23.84 3.33 -6.01
C VAL A 135 -22.80 4.41 -5.76
C VAL A 135 -22.80 4.41 -5.76
N PHE A 136 -23.15 5.66 -6.06
CA PHE A 136 -22.24 6.78 -5.91
C PHE A 136 -22.75 7.66 -4.78
N PHE A 137 -21.81 8.16 -3.98
CA PHE A 137 -22.10 9.12 -2.91
C PHE A 137 -21.43 10.44 -3.30
N GLU A 138 -22.24 11.44 -3.61
CA GLU A 138 -21.72 12.76 -4.00
C GLU A 138 -21.85 13.77 -2.87
N MET B 1 8.40 7.83 -16.22
CA MET B 1 8.80 7.99 -14.79
C MET B 1 7.57 7.92 -13.89
N LEU B 2 7.71 7.25 -12.74
CA LEU B 2 6.62 7.15 -11.79
C LEU B 2 6.54 8.40 -10.94
N SER B 3 5.33 8.85 -10.65
CA SER B 3 5.16 10.14 -9.99
C SER B 3 4.59 10.03 -8.58
N GLY B 4 4.28 8.83 -8.12
CA GLY B 4 3.83 8.62 -6.76
C GLY B 4 2.91 7.42 -6.69
N LEU B 5 2.27 7.27 -5.53
CA LEU B 5 1.30 6.20 -5.33
C LEU B 5 -0.04 6.62 -5.94
N ASN B 6 -0.57 5.77 -6.81
CA ASN B 6 -1.86 6.04 -7.44
C ASN B 6 -3.02 5.55 -6.58
N HIS B 7 -2.98 4.30 -6.16
CA HIS B 7 -3.98 3.79 -5.23
C HIS B 7 -3.43 2.59 -4.47
N LEU B 8 -4.06 2.33 -3.33
CA LEU B 8 -3.75 1.19 -2.46
C LEU B 8 -5.01 0.33 -2.43
N THR B 9 -4.90 -0.94 -2.81
CA THR B 9 -6.05 -1.84 -2.81
C THR B 9 -5.84 -2.90 -1.75
N LEU B 10 -6.79 -3.03 -0.82
CA LEU B 10 -6.78 -4.06 0.19
C LEU B 10 -7.86 -5.10 -0.12
N ALA B 11 -7.46 -6.37 -0.14
CA ALA B 11 -8.42 -7.46 -0.26
C ALA B 11 -9.12 -7.65 1.09
N VAL B 12 -10.45 -7.79 1.06
CA VAL B 12 -11.23 -7.94 2.27
C VAL B 12 -12.12 -9.17 2.15
N SER B 13 -12.41 -9.79 3.30
CA SER B 13 -13.25 -10.98 3.30
C SER B 13 -14.74 -10.66 3.34
N GLN B 14 -15.11 -9.53 3.93
CA GLN B 14 -16.50 -9.10 4.04
C GLN B 14 -16.56 -7.59 3.87
N LEU B 15 -17.39 -7.12 2.95
CA LEU B 15 -17.36 -5.70 2.61
C LEU B 15 -17.91 -4.82 3.74
N ALA B 16 -19.04 -5.20 4.33
CA ALA B 16 -19.68 -4.29 5.28
C ALA B 16 -18.81 -3.98 6.50
N PRO B 17 -18.19 -4.94 7.19
N PRO B 17 -18.19 -4.95 7.17
CA PRO B 17 -17.35 -4.56 8.33
CA PRO B 17 -17.31 -4.61 8.30
C PRO B 17 -16.13 -3.75 7.93
C PRO B 17 -16.14 -3.73 7.89
N SER B 18 -15.63 -3.93 6.70
N SER B 18 -15.60 -3.96 6.69
CA SER B 18 -14.46 -3.17 6.28
CA SER B 18 -14.45 -3.17 6.26
C SER B 18 -14.84 -1.73 5.95
C SER B 18 -14.85 -1.73 5.96
N VAL B 19 -15.98 -1.53 5.29
CA VAL B 19 -16.46 -0.17 5.06
C VAL B 19 -16.71 0.53 6.40
N ALA B 20 -17.30 -0.19 7.36
CA ALA B 20 -17.56 0.42 8.66
C ALA B 20 -16.25 0.87 9.31
N PHE B 21 -15.20 0.07 9.18
CA PHE B 21 -13.93 0.36 9.82
C PHE B 21 -13.26 1.57 9.18
N TYR B 22 -13.16 1.59 7.84
CA TYR B 22 -12.43 2.66 7.19
C TYR B 22 -13.24 3.94 7.13
N GLN B 23 -14.55 3.85 6.87
CA GLN B 23 -15.37 5.05 6.79
C GLN B 23 -15.72 5.60 8.17
N GLN B 24 -16.34 4.78 9.02
CA GLN B 24 -16.91 5.30 10.24
C GLN B 24 -15.85 5.41 11.33
N LEU B 25 -15.07 4.35 11.56
CA LEU B 25 -14.10 4.40 12.65
C LEU B 25 -12.92 5.30 12.28
N LEU B 26 -12.32 5.10 11.11
N LEU B 26 -12.34 5.11 11.10
CA LEU B 26 -11.16 5.89 10.72
CA LEU B 26 -11.15 5.88 10.71
C LEU B 26 -11.49 7.21 10.07
C LEU B 26 -11.47 7.18 9.98
N GLY B 27 -12.73 7.40 9.60
CA GLY B 27 -13.14 8.70 9.10
C GLY B 27 -12.84 8.97 7.65
N MET B 28 -12.56 7.95 6.86
CA MET B 28 -12.31 8.17 5.44
C MET B 28 -13.61 8.44 4.69
N THR B 29 -13.48 9.09 3.53
CA THR B 29 -14.63 9.47 2.72
C THR B 29 -14.98 8.34 1.75
N LEU B 30 -16.24 7.91 1.78
CA LEU B 30 -16.73 6.86 0.90
C LEU B 30 -17.29 7.50 -0.36
N HIS B 31 -16.68 7.19 -1.51
CA HIS B 31 -17.10 7.75 -2.78
C HIS B 31 -18.04 6.86 -3.57
N ALA B 32 -17.88 5.55 -3.49
CA ALA B 32 -18.71 4.63 -4.26
C ALA B 32 -18.53 3.24 -3.68
N ARG B 33 -19.55 2.41 -3.88
CA ARG B 33 -19.49 1.00 -3.49
C ARG B 33 -20.25 0.20 -4.53
N TRP B 34 -19.83 -1.03 -4.73
CA TRP B 34 -20.51 -1.94 -5.64
C TRP B 34 -20.56 -3.30 -4.96
N ASP B 35 -21.04 -4.32 -5.70
CA ASP B 35 -21.28 -5.62 -5.08
C ASP B 35 -20.00 -6.22 -4.51
N SER B 36 -18.84 -5.88 -5.07
CA SER B 36 -17.59 -6.49 -4.64
C SER B 36 -16.49 -5.47 -4.35
N GLY B 37 -16.82 -4.24 -3.98
CA GLY B 37 -15.75 -3.32 -3.63
C GLY B 37 -16.26 -1.97 -3.20
N ALA B 38 -15.31 -1.11 -2.83
CA ALA B 38 -15.62 0.26 -2.47
C ALA B 38 -14.41 1.13 -2.74
N TYR B 39 -14.67 2.41 -3.05
CA TYR B 39 -13.64 3.41 -3.22
C TYR B 39 -13.77 4.45 -2.11
N LEU B 40 -12.66 4.70 -1.42
CA LEU B 40 -12.58 5.68 -0.35
C LEU B 40 -11.40 6.59 -0.62
N SER B 41 -11.41 7.76 0.00
CA SER B 41 -10.21 8.60 0.01
C SER B 41 -9.91 9.07 1.43
N CYS B 42 -8.64 9.37 1.63
CA CYS B 42 -8.08 9.81 2.90
C CYS B 42 -7.04 10.86 2.50
N GLY B 43 -7.38 12.13 2.54
CA GLY B 43 -6.46 13.11 1.98
C GLY B 43 -6.28 12.81 0.50
N ASP B 44 -5.03 12.76 0.05
N ASP B 44 -5.03 12.74 0.06
CA ASP B 44 -4.72 12.42 -1.34
CA ASP B 44 -4.72 12.43 -1.32
C ASP B 44 -4.84 10.93 -1.65
C ASP B 44 -4.59 10.93 -1.59
N LEU B 45 -4.97 10.09 -0.63
CA LEU B 45 -4.85 8.64 -0.81
C LEU B 45 -6.16 8.11 -1.37
N TRP B 46 -6.07 7.40 -2.48
CA TRP B 46 -7.16 6.63 -3.04
C TRP B 46 -7.04 5.19 -2.53
N LEU B 47 -8.02 4.77 -1.72
CA LEU B 47 -8.08 3.44 -1.14
C LEU B 47 -9.19 2.65 -1.80
N CYS B 48 -8.88 1.44 -2.27
N CYS B 48 -8.89 1.43 -2.23
CA CYS B 48 -9.87 0.53 -2.80
CA CYS B 48 -9.86 0.51 -2.79
C CYS B 48 -9.98 -0.69 -1.88
C CYS B 48 -9.99 -0.70 -1.87
N LEU B 49 -11.21 -1.04 -1.50
CA LEU B 49 -11.50 -2.28 -0.79
C LEU B 49 -12.06 -3.25 -1.83
N SER B 50 -11.45 -4.42 -1.96
CA SER B 50 -11.84 -5.38 -2.98
C SER B 50 -12.24 -6.69 -2.29
N LEU B 51 -13.50 -7.07 -2.46
CA LEU B 51 -13.98 -8.31 -1.88
C LEU B 51 -13.30 -9.48 -2.56
N ASP B 52 -12.68 -10.36 -1.77
CA ASP B 52 -11.87 -11.42 -2.34
C ASP B 52 -12.08 -12.71 -1.56
N PRO B 53 -12.64 -13.75 -2.18
N PRO B 53 -12.72 -13.72 -2.15
CA PRO B 53 -12.84 -15.01 -1.45
CA PRO B 53 -12.86 -15.00 -1.45
C PRO B 53 -11.55 -15.65 -1.01
C PRO B 53 -11.56 -15.62 -0.98
N GLN B 54 -10.42 -15.21 -1.54
CA GLN B 54 -9.14 -15.76 -1.12
C GLN B 54 -8.63 -15.12 0.15
N ARG B 55 -9.22 -14.01 0.59
CA ARG B 55 -8.67 -13.31 1.74
C ARG B 55 -9.03 -14.06 3.02
N ARG B 56 -8.00 -14.37 3.79
CA ARG B 56 -8.16 -14.99 5.10
C ARG B 56 -8.01 -13.91 6.17
N VAL B 57 -8.82 -14.02 7.22
CA VAL B 57 -8.56 -13.23 8.43
C VAL B 57 -7.28 -13.79 9.04
N THR B 58 -6.21 -13.01 8.97
CA THR B 58 -4.87 -13.53 9.20
C THR B 58 -4.32 -13.04 10.52
N PRO B 59 -3.97 -13.92 11.47
N PRO B 59 -3.96 -13.92 11.47
CA PRO B 59 -3.37 -13.45 12.71
CA PRO B 59 -3.38 -13.42 12.72
C PRO B 59 -2.05 -12.75 12.44
C PRO B 59 -2.05 -12.78 12.47
N PRO B 60 -1.68 -11.78 13.27
CA PRO B 60 -0.44 -11.03 13.00
C PRO B 60 0.84 -11.87 13.07
N GLU B 61 0.84 -12.97 13.84
CA GLU B 61 2.03 -13.81 13.86
C GLU B 61 2.21 -14.63 12.58
N GLU B 62 1.17 -14.72 11.75
CA GLU B 62 1.23 -15.50 10.51
C GLU B 62 1.43 -14.64 9.27
N SER B 63 1.54 -13.34 9.42
CA SER B 63 1.82 -12.46 8.29
C SER B 63 3.16 -11.77 8.52
N ASP B 64 3.74 -11.26 7.44
CA ASP B 64 5.04 -10.62 7.51
C ASP B 64 4.85 -9.15 7.89
N TYR B 65 5.94 -8.38 7.85
CA TYR B 65 5.97 -7.01 8.35
C TYR B 65 5.39 -5.98 7.39
N THR B 66 4.94 -6.38 6.21
CA THR B 66 4.31 -5.44 5.29
C THR B 66 3.21 -4.68 5.99
N HIS B 67 3.22 -3.36 5.90
CA HIS B 67 2.24 -2.55 6.60
C HIS B 67 2.09 -1.18 5.97
N TYR B 68 1.01 -0.50 6.36
CA TYR B 68 0.56 0.75 5.73
C TYR B 68 0.36 1.78 6.82
N ALA B 69 1.08 2.89 6.73
CA ALA B 69 1.04 3.92 7.76
C ALA B 69 0.30 5.14 7.24
N PHE B 70 -0.60 5.65 8.06
CA PHE B 70 -1.38 6.85 7.77
C PHE B 70 -0.85 8.04 8.56
N SER B 71 -0.90 9.21 7.90
CA SER B 71 -0.43 10.46 8.47
C SER B 71 -1.45 11.03 9.45
N ILE B 72 -0.93 11.53 10.57
CA ILE B 72 -1.73 12.24 11.56
C ILE B 72 -0.83 13.25 12.24
N SER B 73 -1.44 14.34 12.74
CA SER B 73 -0.66 15.33 13.46
C SER B 73 -0.40 14.87 14.89
N GLU B 74 0.67 15.39 15.48
CA GLU B 74 0.95 15.06 16.88
C GLU B 74 -0.21 15.47 17.78
N ALA B 75 -0.84 16.61 17.49
CA ALA B 75 -1.93 17.08 18.35
C ALA B 75 -3.10 16.12 18.36
N ASP B 76 -3.33 15.41 17.26
CA ASP B 76 -4.47 14.50 17.16
C ASP B 76 -4.13 13.06 17.54
N PHE B 77 -2.85 12.73 17.66
CA PHE B 77 -2.42 11.33 17.75
C PHE B 77 -3.04 10.62 18.96
N ALA B 78 -2.91 11.21 20.15
CA ALA B 78 -3.30 10.48 21.35
C ALA B 78 -4.80 10.23 21.39
N SER B 79 -5.59 11.21 20.97
N SER B 79 -5.58 11.22 20.98
CA SER B 79 -7.03 11.03 21.01
CA SER B 79 -7.03 11.07 20.98
C SER B 79 -7.49 10.01 19.97
C SER B 79 -7.49 10.03 19.96
N PHE B 80 -6.80 9.96 18.83
CA PHE B 80 -7.17 8.98 17.81
C PHE B 80 -6.85 7.56 18.28
N ALA B 81 -5.66 7.37 18.88
CA ALA B 81 -5.31 6.07 19.42
C ALA B 81 -6.28 5.63 20.50
N ALA B 82 -6.74 6.56 21.32
CA ALA B 82 -7.70 6.22 22.37
C ALA B 82 -9.03 5.78 21.79
N ARG B 83 -9.44 6.41 20.68
CA ARG B 83 -10.65 5.99 19.98
C ARG B 83 -10.53 4.55 19.51
N LEU B 84 -9.38 4.21 18.93
CA LEU B 84 -9.18 2.84 18.48
C LEU B 84 -9.21 1.88 19.66
N GLU B 85 -8.62 2.29 20.78
N GLU B 85 -8.58 2.27 20.78
CA GLU B 85 -8.61 1.42 21.95
CA GLU B 85 -8.62 1.43 21.96
C GLU B 85 -10.02 1.24 22.51
C GLU B 85 -10.05 1.21 22.43
N ALA B 86 -10.86 2.28 22.44
CA ALA B 86 -12.23 2.16 22.93
C ALA B 86 -13.03 1.21 22.06
N ALA B 87 -12.76 1.20 20.75
CA ALA B 87 -13.46 0.33 19.81
C ALA B 87 -12.96 -1.11 19.84
N GLY B 88 -11.91 -1.40 20.61
CA GLY B 88 -11.43 -2.76 20.73
C GLY B 88 -10.49 -3.18 19.64
N VAL B 89 -9.84 -2.23 18.98
CA VAL B 89 -8.98 -2.55 17.84
C VAL B 89 -7.68 -3.10 18.38
N ALA B 90 -7.24 -4.23 17.82
CA ALA B 90 -6.05 -4.89 18.31
C ALA B 90 -4.77 -4.19 17.86
N VAL B 91 -3.77 -4.25 18.73
CA VAL B 91 -2.43 -3.71 18.50
C VAL B 91 -1.50 -4.88 18.18
N TRP B 92 -0.66 -4.74 17.15
CA TRP B 92 0.22 -5.82 16.76
C TRP B 92 1.69 -5.59 17.10
N LYS B 93 2.04 -4.42 17.61
CA LYS B 93 3.43 -4.08 17.92
C LYS B 93 3.42 -2.89 18.86
N LEU B 94 4.38 -2.87 19.78
CA LEU B 94 4.65 -1.67 20.56
C LEU B 94 5.64 -0.80 19.83
N ASN B 95 5.49 0.51 19.96
CA ASN B 95 6.45 1.44 19.40
C ASN B 95 7.72 1.44 20.25
N ARG B 96 8.84 1.08 19.66
CA ARG B 96 10.10 1.00 20.40
C ARG B 96 11.14 1.96 19.86
N SER B 97 10.76 2.84 18.94
CA SER B 97 11.67 3.80 18.35
C SER B 97 11.21 5.21 18.67
N GLU B 98 12.07 6.18 18.44
N GLU B 98 12.08 6.18 18.43
CA GLU B 98 11.68 7.58 18.62
CA GLU B 98 11.69 7.58 18.59
C GLU B 98 10.69 7.97 17.53
C GLU B 98 10.67 7.96 17.52
N GLY B 99 9.80 8.89 17.86
CA GLY B 99 8.72 9.25 16.97
C GLY B 99 7.45 8.51 17.33
N ALA B 100 6.31 9.14 17.09
CA ALA B 100 5.03 8.61 17.53
C ALA B 100 4.46 7.66 16.49
N SER B 101 4.21 6.41 16.91
CA SER B 101 3.59 5.40 16.08
C SER B 101 2.64 4.57 16.94
N HIS B 102 1.51 4.21 16.35
CA HIS B 102 0.53 3.29 16.92
C HIS B 102 0.25 2.21 15.88
N TYR B 103 0.39 0.95 16.26
CA TYR B 103 0.32 -0.15 15.32
C TYR B 103 -0.93 -0.97 15.57
N PHE B 104 -1.84 -0.99 14.60
CA PHE B 104 -3.15 -1.59 14.82
C PHE B 104 -3.55 -2.41 13.60
N LEU B 105 -4.50 -3.33 13.82
CA LEU B 105 -4.96 -4.26 12.81
C LEU B 105 -6.35 -3.88 12.30
N ASP B 106 -6.59 -4.15 11.01
CA ASP B 106 -7.93 -3.99 10.44
C ASP B 106 -8.65 -5.33 10.58
N PRO B 107 -9.93 -5.39 10.19
CA PRO B 107 -10.72 -6.59 10.51
C PRO B 107 -10.24 -7.86 9.84
N ASP B 108 -9.46 -7.76 8.76
CA ASP B 108 -8.91 -8.91 8.07
C ASP B 108 -7.45 -9.16 8.42
N GLY B 109 -6.89 -8.40 9.35
CA GLY B 109 -5.52 -8.59 9.74
C GLY B 109 -4.51 -7.80 8.93
N HIS B 110 -4.94 -6.89 8.08
CA HIS B 110 -4.00 -5.97 7.46
C HIS B 110 -3.34 -5.15 8.56
N LYS B 111 -2.02 -5.02 8.48
CA LYS B 111 -1.23 -4.29 9.46
C LYS B 111 -1.19 -2.81 9.12
N LEU B 112 -1.72 -1.99 10.01
CA LEU B 112 -1.81 -0.55 9.85
C LEU B 112 -0.97 0.15 10.92
N GLU B 113 -0.73 1.43 10.66
CA GLU B 113 0.04 2.26 11.59
C GLU B 113 -0.45 3.69 11.51
N LEU B 114 -0.49 4.37 12.66
CA LEU B 114 -0.55 5.82 12.71
C LEU B 114 0.87 6.32 12.93
N HIS B 115 1.34 7.27 12.12
CA HIS B 115 2.66 7.82 12.33
C HIS B 115 2.66 9.32 12.18
N VAL B 116 3.38 9.98 13.08
CA VAL B 116 3.67 11.41 13.03
C VAL B 116 5.09 11.60 12.50
N GLY B 117 5.21 12.35 11.41
CA GLY B 117 6.53 12.74 10.92
C GLY B 117 6.82 12.27 9.52
N SER B 118 7.74 12.93 8.86
CA SER B 118 8.06 12.73 7.46
C SER B 118 9.33 11.92 7.25
N LEU B 119 9.58 11.60 5.98
CA LEU B 119 10.85 10.97 5.61
C LEU B 119 12.03 11.86 5.96
N ALA B 120 11.92 13.16 5.68
CA ALA B 120 13.05 14.05 5.96
C ALA B 120 13.38 14.05 7.45
N GLN B 121 12.36 14.02 8.31
N GLN B 121 12.35 14.04 8.31
CA GLN B 121 12.58 13.97 9.74
CA GLN B 121 12.59 13.97 9.75
C GLN B 121 13.27 12.68 10.15
C GLN B 121 13.31 12.68 10.11
N ARG B 122 12.88 11.56 9.53
CA ARG B 122 13.51 10.28 9.82
C ARG B 122 14.96 10.28 9.37
N LEU B 123 15.24 10.81 8.17
CA LEU B 123 16.60 10.83 7.69
C LEU B 123 17.50 11.69 8.57
N ALA B 124 16.96 12.80 9.09
CA ALA B 124 17.74 13.65 9.98
C ALA B 124 18.10 12.91 11.26
N ALA B 125 17.15 12.17 11.81
CA ALA B 125 17.42 11.38 13.01
C ALA B 125 18.46 10.31 12.73
N CYS B 126 18.37 9.67 11.56
CA CYS B 126 19.31 8.61 11.24
C CYS B 126 20.70 9.14 10.98
N ARG B 127 20.82 10.35 10.44
CA ARG B 127 22.16 10.92 10.25
C ARG B 127 22.86 11.14 11.58
N GLU B 128 22.10 11.47 12.65
CA GLU B 128 22.68 11.67 13.97
C GLU B 128 23.06 10.35 14.62
N GLN B 129 22.25 9.32 14.39
CA GLN B 129 22.36 8.03 15.06
C GLN B 129 22.06 6.93 14.05
N PRO B 130 23.02 6.63 13.17
CA PRO B 130 22.72 5.71 12.07
C PRO B 130 22.54 4.27 12.52
N TYR B 131 21.67 3.56 11.80
CA TYR B 131 21.50 2.14 12.02
C TYR B 131 22.75 1.38 11.60
N LYS B 132 22.83 0.12 12.02
CA LYS B 132 23.97 -0.73 11.66
C LYS B 132 24.07 -0.85 10.13
N GLY B 133 25.26 -0.55 9.58
CA GLY B 133 25.47 -0.66 8.15
C GLY B 133 24.87 0.45 7.31
N MET B 134 24.50 1.57 7.93
CA MET B 134 23.76 2.59 7.20
C MET B 134 24.67 3.43 6.32
N VAL B 135 24.24 3.61 5.08
CA VAL B 135 24.88 4.43 4.06
C VAL B 135 23.84 5.36 3.50
N PHE B 136 24.21 6.61 3.26
CA PHE B 136 23.32 7.61 2.69
C PHE B 136 23.70 7.92 1.26
N PHE B 137 22.71 8.30 0.46
CA PHE B 137 22.91 8.63 -0.95
C PHE B 137 22.34 10.00 -1.19
N GLU B 138 23.15 10.91 -1.73
CA GLU B 138 22.69 12.27 -1.98
C GLU B 138 22.62 12.55 -3.48
MN MN C . -5.44 -1.41 -9.04
MN MN D . 6.04 1.83 9.66
#